data_1ERN
#
_entry.id   1ERN
#
_cell.length_a   38.760
_cell.length_b   55.680
_cell.length_c   58.430
_cell.angle_alpha   62.65
_cell.angle_beta   88.31
_cell.angle_gamma   74.97
#
_symmetry.space_group_name_H-M   'P 1'
#
loop_
_entity.id
_entity.type
_entity.pdbx_description
1 polymer 'PROTEIN (ERYTHROPOIETIN RECEPTOR)'
2 water water
#
_entity_poly.entity_id   1
_entity_poly.type   'polypeptide(L)'
_entity_poly.pdbx_seq_one_letter_code
;KFESKAALLAARGPEELLCFTERLEDLVCFWEEAASAGVGPGNYSFSYQLEDEPWKLCRLHQAPTARGAVRFWCSLPTAD
TSSFVPLELRVTAASGAPRYHRVIHINEVVLLDAPVGLVARLADESGHVVLRWLPPPETPMTSHIRYEVDVSAGNGAGSV
QRVEILEGRTECVLSNLRGRTRYTFAVRARMAEPSFGGFWSAWSEPVSLLTPS
;
_entity_poly.pdbx_strand_id   A,B
#
# COMPACT_ATOMS: atom_id res chain seq x y z
N LYS A 1 23.44 4.42 -5.87
CA LYS A 1 22.04 3.90 -5.89
C LYS A 1 21.12 4.90 -5.19
N PHE A 2 21.22 4.96 -3.86
CA PHE A 2 20.41 5.87 -3.07
C PHE A 2 21.23 7.13 -2.79
N GLU A 3 22.40 7.19 -3.41
CA GLU A 3 23.31 8.31 -3.26
C GLU A 3 22.61 9.57 -3.81
N SER A 4 21.68 9.38 -4.74
CA SER A 4 20.94 10.50 -5.34
C SER A 4 19.75 10.91 -4.48
N LYS A 5 19.05 9.93 -3.91
CA LYS A 5 17.91 10.20 -3.06
C LYS A 5 18.35 11.02 -1.83
N ALA A 6 19.39 10.54 -1.15
CA ALA A 6 19.92 11.23 0.04
C ALA A 6 20.36 12.63 -0.33
N ALA A 7 20.98 12.74 -1.49
CA ALA A 7 21.44 14.03 -1.95
C ALA A 7 20.20 14.92 -2.05
N LEU A 8 19.15 14.43 -2.71
CA LEU A 8 17.93 15.21 -2.85
C LEU A 8 17.27 15.45 -1.50
N LEU A 9 17.11 14.38 -0.73
CA LEU A 9 16.48 14.48 0.57
C LEU A 9 17.24 15.38 1.55
N ALA A 10 18.48 15.74 1.20
CA ALA A 10 19.29 16.60 2.06
C ALA A 10 18.66 17.98 2.26
N ALA A 11 17.36 18.05 2.06
CA ALA A 11 16.59 19.29 2.20
C ALA A 11 15.89 19.41 3.55
N GLU A 15 21.35 17.66 6.90
CA GLU A 15 21.87 18.17 8.21
C GLU A 15 21.28 17.33 9.34
N GLU A 16 19.96 17.33 9.41
CA GLU A 16 19.21 16.59 10.43
C GLU A 16 19.30 15.09 10.10
N LEU A 17 18.60 14.28 10.88
CA LEU A 17 18.55 12.84 10.67
C LEU A 17 17.34 12.73 9.74
N LEU A 18 17.56 12.16 8.56
CA LEU A 18 16.52 12.03 7.55
C LEU A 18 16.21 10.60 7.19
N CYS A 19 14.91 10.30 7.12
CA CYS A 19 14.46 8.94 6.79
C CYS A 19 13.48 8.96 5.61
N PHE A 20 13.38 7.84 4.93
CA PHE A 20 12.47 7.71 3.81
C PHE A 20 12.32 6.22 3.51
N THR A 21 11.18 5.87 2.91
CA THR A 21 10.89 4.49 2.53
C THR A 21 10.74 4.50 1.01
N GLU A 22 11.21 3.44 0.35
CA GLU A 22 11.15 3.36 -1.10
C GLU A 22 9.89 2.68 -1.56
N ARG A 23 9.49 1.62 -0.87
CA ARG A 23 8.27 0.92 -1.24
C ARG A 23 7.41 0.45 -0.07
N LEU A 24 7.36 1.29 0.98
CA LEU A 24 6.56 1.07 2.19
C LEU A 24 6.77 -0.22 2.95
N GLU A 25 7.95 -0.82 2.77
CA GLU A 25 8.29 -2.04 3.46
C GLU A 25 9.78 -1.97 3.74
N ASP A 26 10.23 -0.77 4.02
CA ASP A 26 11.64 -0.50 4.23
C ASP A 26 11.82 0.89 4.83
N LEU A 27 13.02 1.18 5.31
CA LEU A 27 13.32 2.50 5.87
C LEU A 27 14.81 2.74 5.90
N VAL A 28 15.22 3.90 5.42
CA VAL A 28 16.59 4.32 5.39
C VAL A 28 16.72 5.67 6.08
N CYS A 29 17.64 5.73 7.04
CA CYS A 29 17.88 6.95 7.80
C CYS A 29 19.36 7.28 7.65
N PHE A 30 19.67 8.55 7.58
CA PHE A 30 21.04 8.96 7.42
C PHE A 30 21.19 10.38 7.90
N TRP A 31 22.42 10.80 8.07
CA TRP A 31 22.70 12.16 8.50
C TRP A 31 24.07 12.46 7.91
N GLU A 32 24.40 13.75 7.85
CA GLU A 32 25.66 14.20 7.30
C GLU A 32 26.37 15.17 8.22
N GLU A 33 27.70 15.09 8.21
CA GLU A 33 28.53 15.95 9.03
C GLU A 33 29.92 16.00 8.42
N ALA A 34 30.68 17.02 8.80
CA ALA A 34 32.05 17.19 8.28
C ALA A 34 32.87 15.94 8.53
N ALA A 35 33.69 15.57 7.56
CA ALA A 35 34.55 14.41 7.70
C ALA A 35 35.58 14.72 8.80
N SER A 36 35.83 13.77 9.68
CA SER A 36 36.80 14.02 10.75
C SER A 36 37.72 12.84 10.96
N ALA A 37 39.01 13.13 11.00
CA ALA A 37 40.06 12.11 11.18
C ALA A 37 39.75 11.07 12.24
N GLY A 38 39.87 9.80 11.85
CA GLY A 38 39.61 8.72 12.79
C GLY A 38 38.16 8.40 13.11
N VAL A 39 37.22 9.22 12.64
CA VAL A 39 35.80 8.99 12.92
C VAL A 39 35.11 8.21 11.81
N GLY A 40 34.60 7.03 12.17
CA GLY A 40 33.91 6.17 11.24
C GLY A 40 32.63 5.63 11.87
N PRO A 41 31.90 4.75 11.18
CA PRO A 41 30.65 4.15 11.67
C PRO A 41 30.78 3.39 12.99
N GLY A 42 32.03 3.19 13.44
CA GLY A 42 32.27 2.49 14.69
C GLY A 42 32.23 3.45 15.86
N ASN A 43 32.19 4.74 15.55
CA ASN A 43 32.14 5.77 16.57
C ASN A 43 30.71 6.24 16.88
N TYR A 44 29.72 5.55 16.32
CA TYR A 44 28.32 5.91 16.55
C TYR A 44 27.36 4.74 16.76
N SER A 45 26.42 4.93 17.67
CA SER A 45 25.39 3.90 17.91
C SER A 45 24.05 4.42 17.40
N PHE A 46 23.42 3.62 16.55
CA PHE A 46 22.12 3.94 15.99
C PHE A 46 21.20 2.89 16.61
N SER A 47 20.28 3.32 17.47
CA SER A 47 19.33 2.40 18.11
C SER A 47 17.90 2.77 17.73
N TYR A 48 16.98 1.82 17.89
CA TYR A 48 15.60 2.06 17.52
C TYR A 48 14.76 1.01 18.22
N GLN A 49 13.46 1.27 18.34
CA GLN A 49 12.58 0.29 18.97
C GLN A 49 11.14 0.33 18.47
N LEU A 50 10.55 -0.85 18.42
CA LEU A 50 9.17 -1.02 18.00
C LEU A 50 8.35 -1.15 19.27
N GLU A 51 7.05 -0.95 19.17
CA GLU A 51 6.15 -1.02 20.32
C GLU A 51 6.54 -2.13 21.29
N ASP A 52 6.89 -1.75 22.51
CA ASP A 52 7.29 -2.72 23.54
C ASP A 52 8.11 -3.84 22.92
N GLU A 53 9.36 -3.50 22.60
CA GLU A 53 10.33 -4.41 22.00
C GLU A 53 11.64 -3.79 22.48
N PRO A 54 12.58 -4.60 22.98
CA PRO A 54 13.84 -3.99 23.44
C PRO A 54 14.61 -3.24 22.36
N TRP A 55 15.09 -2.04 22.68
CA TRP A 55 15.87 -1.26 21.73
C TRP A 55 16.88 -2.18 21.05
N LYS A 56 17.13 -1.90 19.78
CA LYS A 56 18.05 -2.69 18.97
C LYS A 56 18.95 -1.70 18.27
N LEU A 57 20.12 -2.15 17.85
CA LEU A 57 21.05 -1.27 17.16
C LEU A 57 21.05 -1.56 15.68
N CYS A 58 21.28 -0.54 14.88
CA CYS A 58 21.33 -0.74 13.44
C CYS A 58 22.77 -0.61 12.94
N ARG A 59 23.17 -1.54 12.07
CA ARG A 59 24.49 -1.58 11.46
C ARG A 59 24.81 -0.34 10.64
N LEU A 60 25.51 0.63 11.22
CA LEU A 60 25.84 1.86 10.50
C LEU A 60 26.80 1.71 9.31
N HIS A 61 26.74 2.70 8.42
CA HIS A 61 27.56 2.75 7.22
C HIS A 61 28.00 4.19 6.96
N GLN A 62 29.18 4.35 6.37
CA GLN A 62 29.67 5.68 6.08
C GLN A 62 29.95 5.76 4.59
N ALA A 63 29.67 6.90 3.98
CA ALA A 63 29.92 7.05 2.56
C ALA A 63 30.26 8.49 2.24
N PRO A 64 31.09 8.70 1.22
CA PRO A 64 31.46 10.06 0.85
C PRO A 64 30.26 10.80 0.22
N THR A 65 30.45 12.08 -0.04
CA THR A 65 29.40 12.92 -0.61
C THR A 65 29.99 13.89 -1.60
N ALA A 66 29.19 14.24 -2.61
CA ALA A 66 29.63 15.16 -3.64
C ALA A 66 30.06 16.49 -3.03
N ARG A 67 29.68 16.73 -1.78
CA ARG A 67 30.00 17.99 -1.12
C ARG A 67 31.12 18.02 -0.07
N GLY A 68 31.72 16.87 0.23
CA GLY A 68 32.79 16.90 1.22
C GLY A 68 32.44 16.45 2.63
N ALA A 69 31.16 16.36 2.95
CA ALA A 69 30.75 15.91 4.27
C ALA A 69 30.55 14.43 4.12
N VAL A 70 30.44 13.71 5.22
CA VAL A 70 30.22 12.27 5.14
C VAL A 70 28.81 11.90 5.58
N ARG A 71 28.34 10.78 5.04
CA ARG A 71 27.00 10.31 5.33
C ARG A 71 27.03 8.96 6.06
N PHE A 72 26.30 8.91 7.16
CA PHE A 72 26.18 7.68 7.92
C PHE A 72 24.74 7.23 7.72
N TRP A 73 24.56 5.98 7.30
CA TRP A 73 23.24 5.47 7.09
C TRP A 73 23.01 4.12 7.70
N CYS A 74 21.74 3.82 7.92
CA CYS A 74 21.32 2.56 8.49
C CYS A 74 20.09 2.14 7.69
N SER A 75 20.08 0.88 7.32
CA SER A 75 18.98 0.30 6.57
C SER A 75 18.39 -0.72 7.54
N LEU A 76 17.22 -0.39 8.10
CA LEU A 76 16.57 -1.26 9.07
C LEU A 76 16.34 -2.66 8.52
N PRO A 77 16.55 -3.68 9.36
CA PRO A 77 16.32 -5.04 8.90
C PRO A 77 14.88 -5.14 8.46
N THR A 78 14.65 -5.84 7.36
CA THR A 78 13.32 -5.97 6.79
C THR A 78 12.19 -6.34 7.75
N ALA A 79 12.53 -6.96 8.89
CA ALA A 79 11.52 -7.38 9.87
C ALA A 79 10.90 -6.26 10.72
N ASP A 80 11.63 -5.16 10.90
CA ASP A 80 11.11 -4.06 11.71
C ASP A 80 10.53 -2.94 10.84
N THR A 81 10.25 -3.24 9.58
CA THR A 81 9.69 -2.27 8.67
C THR A 81 8.59 -2.88 7.81
N SER A 82 7.89 -3.86 8.38
CA SER A 82 6.81 -4.51 7.67
C SER A 82 5.40 -4.14 8.17
N SER A 83 5.32 -3.03 8.89
CA SER A 83 4.05 -2.54 9.41
C SER A 83 4.29 -1.04 9.64
N PHE A 84 3.22 -0.29 9.92
CA PHE A 84 3.35 1.14 10.11
C PHE A 84 3.40 1.59 11.55
N VAL A 85 3.88 0.73 12.44
CA VAL A 85 4.01 1.08 13.85
C VAL A 85 5.11 2.15 13.93
N PRO A 86 4.94 3.14 14.82
CA PRO A 86 5.95 4.20 14.97
C PRO A 86 7.33 3.67 15.35
N LEU A 87 8.37 4.26 14.77
CA LEU A 87 9.74 3.86 15.05
C LEU A 87 10.43 4.96 15.82
N GLU A 88 10.99 4.64 16.98
CA GLU A 88 11.69 5.65 17.74
C GLU A 88 13.16 5.44 17.41
N LEU A 89 13.80 6.50 16.94
CA LEU A 89 15.20 6.43 16.55
C LEU A 89 16.03 7.29 17.49
N ARG A 90 17.22 6.82 17.86
CA ARG A 90 18.09 7.61 18.71
C ARG A 90 19.58 7.39 18.40
N VAL A 91 20.24 8.44 17.92
CA VAL A 91 21.66 8.39 17.57
C VAL A 91 22.55 9.12 18.57
N THR A 92 23.48 8.39 19.18
CA THR A 92 24.39 8.99 20.15
C THR A 92 25.81 8.58 19.79
N ALA A 93 26.77 9.42 20.15
CA ALA A 93 28.18 9.15 19.92
C ALA A 93 28.55 7.85 20.62
N ALA A 94 29.57 7.17 20.10
CA ALA A 94 30.05 5.91 20.67
C ALA A 94 30.40 6.09 22.16
N SER A 95 30.51 7.34 22.59
CA SER A 95 30.82 7.65 23.99
C SER A 95 29.52 7.90 24.74
N GLY A 96 28.41 7.95 24.03
CA GLY A 96 27.13 8.18 24.68
C GLY A 96 26.64 9.61 24.52
N ALA A 97 27.45 10.47 23.92
CA ALA A 97 27.06 11.85 23.71
C ALA A 97 25.88 11.89 22.73
N PRO A 98 24.75 12.48 23.15
CA PRO A 98 23.54 12.58 22.33
C PRO A 98 23.69 13.43 21.07
N ARG A 99 23.06 12.98 19.98
CA ARG A 99 23.09 13.72 18.73
C ARG A 99 21.76 13.77 17.97
N TYR A 100 21.09 12.62 17.81
CA TYR A 100 19.79 12.62 17.13
C TYR A 100 18.73 11.77 17.84
N HIS A 101 17.53 12.30 17.98
CA HIS A 101 16.46 11.54 18.62
C HIS A 101 15.13 11.92 17.99
N ARG A 102 14.42 10.94 17.43
CA ARG A 102 13.13 11.19 16.82
C ARG A 102 12.24 9.97 16.60
N VAL A 103 11.05 10.21 16.03
CA VAL A 103 10.08 9.15 15.75
C VAL A 103 9.76 9.15 14.26
N ILE A 104 9.47 7.98 13.71
CA ILE A 104 9.17 7.87 12.29
C ILE A 104 8.04 6.89 11.98
N HIS A 105 7.18 7.29 11.04
CA HIS A 105 6.09 6.45 10.58
C HIS A 105 6.45 6.18 9.12
N ILE A 106 6.87 4.96 8.82
CA ILE A 106 7.26 4.65 7.46
C ILE A 106 6.31 5.22 6.40
N ASN A 107 5.03 5.35 6.74
CA ASN A 107 4.02 5.87 5.81
C ASN A 107 4.05 7.39 5.59
N GLU A 108 4.94 8.10 6.27
CA GLU A 108 4.98 9.54 6.12
C GLU A 108 6.24 10.07 5.47
N VAL A 109 7.14 9.19 5.08
CA VAL A 109 8.38 9.64 4.46
C VAL A 109 8.69 8.88 3.18
N VAL A 110 7.70 8.84 2.29
CA VAL A 110 7.85 8.14 1.03
C VAL A 110 8.75 8.91 0.06
N LEU A 111 9.55 8.16 -0.68
CA LEU A 111 10.45 8.75 -1.67
C LEU A 111 10.70 7.66 -2.74
N LEU A 112 9.73 7.54 -3.65
CA LEU A 112 9.78 6.54 -4.72
C LEU A 112 10.96 6.76 -5.64
N ASP A 113 11.27 5.73 -6.44
CA ASP A 113 12.36 5.86 -7.41
C ASP A 113 11.74 6.67 -8.55
N ALA A 114 12.56 7.26 -9.39
CA ALA A 114 12.04 8.05 -10.50
C ALA A 114 11.32 7.14 -11.50
N PRO A 115 10.37 7.71 -12.25
CA PRO A 115 9.64 6.90 -13.24
C PRO A 115 10.67 6.35 -14.20
N VAL A 116 10.28 5.38 -15.04
CA VAL A 116 11.22 4.81 -15.99
C VAL A 116 10.57 4.48 -17.33
N GLY A 117 11.40 4.14 -18.31
CA GLY A 117 10.89 3.79 -19.63
C GLY A 117 10.20 4.97 -20.29
N LEU A 118 10.81 6.15 -20.18
CA LEU A 118 10.25 7.35 -20.78
C LEU A 118 10.53 7.37 -22.27
N VAL A 119 9.49 7.63 -23.04
CA VAL A 119 9.58 7.69 -24.50
C VAL A 119 8.63 8.76 -25.02
N ALA A 120 9.05 9.53 -26.02
CA ALA A 120 8.21 10.57 -26.57
C ALA A 120 8.01 10.41 -28.08
N ARG A 121 6.82 9.99 -28.49
CA ARG A 121 6.55 9.83 -29.91
C ARG A 121 5.93 11.13 -30.41
N LEU A 122 6.46 11.62 -31.52
CA LEU A 122 5.95 12.84 -32.13
C LEU A 122 4.94 12.29 -33.15
N ALA A 123 3.67 12.22 -32.74
CA ALA A 123 2.65 11.65 -33.63
C ALA A 123 1.60 12.60 -34.20
N ASP A 124 1.95 13.87 -34.39
CA ASP A 124 1.00 14.82 -34.94
C ASP A 124 1.68 15.80 -35.88
N GLU A 125 1.89 15.36 -37.12
CA GLU A 125 2.53 16.14 -38.17
C GLU A 125 2.63 17.63 -37.87
N GLY A 127 3.69 18.58 -34.41
CA GLY A 127 3.00 19.44 -33.41
C GLY A 127 2.90 18.78 -32.04
N HIS A 128 1.86 17.98 -31.86
CA HIS A 128 1.64 17.31 -30.59
C HIS A 128 2.56 16.13 -30.34
N VAL A 129 3.05 16.06 -29.11
CA VAL A 129 3.93 15.00 -28.69
C VAL A 129 3.17 14.12 -27.72
N VAL A 130 3.52 12.84 -27.73
CA VAL A 130 2.92 11.88 -26.83
C VAL A 130 4.06 11.39 -25.94
N LEU A 131 3.79 11.36 -24.64
CA LEU A 131 4.76 10.88 -23.67
C LEU A 131 4.17 9.69 -22.94
N ARG A 132 4.97 8.65 -22.76
CA ARG A 132 4.52 7.46 -22.05
C ARG A 132 5.70 7.05 -21.17
N TRP A 133 5.41 6.57 -19.98
CA TRP A 133 6.45 6.15 -19.08
C TRP A 133 5.94 5.00 -18.23
N LEU A 134 6.71 4.63 -17.23
CA LEU A 134 6.31 3.56 -16.35
C LEU A 134 6.44 4.06 -14.93
N PRO A 135 5.69 3.46 -14.01
CA PRO A 135 5.78 3.90 -12.62
C PRO A 135 7.13 3.39 -12.05
N PRO A 136 7.56 3.94 -10.90
CA PRO A 136 8.82 3.49 -10.31
C PRO A 136 8.67 1.97 -10.11
N PRO A 137 9.58 1.16 -10.67
CA PRO A 137 9.53 -0.30 -10.55
C PRO A 137 9.31 -0.83 -9.14
N GLU A 138 8.48 -1.87 -9.05
CA GLU A 138 8.19 -2.50 -7.77
C GLU A 138 7.70 -1.46 -6.75
N THR A 139 6.56 -0.85 -7.04
CA THR A 139 5.98 0.14 -6.17
C THR A 139 4.48 -0.12 -6.10
N PRO A 140 3.95 -0.37 -4.90
CA PRO A 140 2.51 -0.65 -4.71
C PRO A 140 1.63 0.56 -4.93
N MET A 141 0.31 0.31 -5.02
CA MET A 141 -0.68 1.36 -5.19
C MET A 141 -0.23 2.43 -6.17
N THR A 142 0.03 1.99 -7.40
CA THR A 142 0.49 2.86 -8.47
C THR A 142 -0.58 3.90 -8.82
N SER A 143 -1.82 3.58 -8.46
CA SER A 143 -2.96 4.45 -8.70
C SER A 143 -2.91 5.68 -7.80
N HIS A 144 -2.12 5.62 -6.74
CA HIS A 144 -1.99 6.75 -5.81
C HIS A 144 -0.86 7.67 -6.20
N ILE A 145 0.03 7.18 -7.05
CA ILE A 145 1.15 7.96 -7.50
C ILE A 145 0.72 9.04 -8.45
N ARG A 146 1.20 10.24 -8.22
CA ARG A 146 0.94 11.41 -9.06
C ARG A 146 2.24 11.78 -9.73
N TYR A 147 2.15 12.36 -10.92
CA TYR A 147 3.35 12.72 -11.63
C TYR A 147 3.46 14.18 -12.02
N GLU A 148 4.71 14.58 -12.25
CA GLU A 148 5.03 15.92 -12.69
C GLU A 148 6.03 15.76 -13.84
N VAL A 149 5.64 16.31 -14.99
CA VAL A 149 6.43 16.25 -16.19
C VAL A 149 7.15 17.56 -16.44
N ASP A 150 8.41 17.47 -16.82
CA ASP A 150 9.15 18.69 -17.07
C ASP A 150 9.35 18.88 -18.56
N VAL A 151 9.08 20.10 -19.01
CA VAL A 151 9.24 20.42 -20.41
C VAL A 151 10.12 21.63 -20.56
N SER A 152 11.35 21.36 -21.01
CA SER A 152 12.34 22.40 -21.22
C SER A 152 12.78 22.42 -22.69
N ALA A 153 13.28 23.57 -23.12
CA ALA A 153 13.76 23.76 -24.48
C ALA A 153 14.89 24.78 -24.42
N GLY A 154 15.82 24.71 -25.38
CA GLY A 154 16.92 25.65 -25.40
C GLY A 154 17.00 26.46 -26.68
N GLY A 156 18.53 29.53 -27.94
CA GLY A 156 18.65 30.76 -27.09
C GLY A 156 18.10 30.54 -25.70
N ALA A 157 17.88 31.63 -24.97
CA ALA A 157 17.34 31.56 -23.61
C ALA A 157 16.20 30.58 -23.59
N GLY A 158 16.47 29.38 -23.10
CA GLY A 158 15.45 28.35 -23.06
C GLY A 158 14.28 28.73 -22.19
N SER A 159 13.49 27.73 -21.84
CA SER A 159 12.33 27.95 -21.00
C SER A 159 11.93 26.58 -20.46
N VAL A 160 11.20 26.56 -19.34
CA VAL A 160 10.72 25.30 -18.78
C VAL A 160 9.29 25.49 -18.36
N GLN A 161 8.50 24.44 -18.47
CA GLN A 161 7.10 24.47 -18.09
C GLN A 161 6.76 23.16 -17.39
N ARG A 162 5.71 23.17 -16.55
CA ARG A 162 5.28 21.99 -15.81
C ARG A 162 3.89 21.46 -16.15
N VAL A 163 3.74 20.14 -16.08
CA VAL A 163 2.47 19.50 -16.39
C VAL A 163 2.09 18.45 -15.35
N GLU A 164 1.02 18.74 -14.61
CA GLU A 164 0.50 17.86 -13.58
C GLU A 164 -0.19 16.66 -14.18
N ILE A 165 0.10 15.48 -13.65
CA ILE A 165 -0.53 14.26 -14.11
C ILE A 165 -1.13 13.68 -12.83
N LEU A 166 -2.46 13.57 -12.77
CA LEU A 166 -3.10 13.05 -11.57
C LEU A 166 -3.70 11.66 -11.70
N GLU A 167 -4.17 11.16 -10.56
CA GLU A 167 -4.84 9.88 -10.43
C GLU A 167 -4.08 8.65 -10.92
N GLY A 168 -2.79 8.82 -11.21
CA GLY A 168 -2.00 7.69 -11.63
C GLY A 168 -1.79 7.42 -13.10
N ARG A 169 -2.14 8.35 -13.98
CA ARG A 169 -1.94 8.10 -15.40
C ARG A 169 -0.46 8.19 -15.75
N THR A 170 0.05 7.19 -16.48
CA THR A 170 1.45 7.17 -16.86
C THR A 170 1.61 7.51 -18.33
N GLU A 171 0.92 8.56 -18.75
CA GLU A 171 0.97 8.99 -20.14
C GLU A 171 0.29 10.36 -20.28
N CYS A 172 0.61 11.07 -21.34
CA CYS A 172 0.00 12.37 -21.58
C CYS A 172 0.35 12.89 -22.96
N VAL A 173 -0.29 14.00 -23.32
CA VAL A 173 -0.09 14.64 -24.61
C VAL A 173 0.24 16.09 -24.37
N LEU A 174 1.26 16.57 -25.06
CA LEU A 174 1.68 17.95 -24.93
C LEU A 174 1.38 18.67 -26.23
N SER A 175 0.79 19.85 -26.10
CA SER A 175 0.44 20.68 -27.24
C SER A 175 0.98 22.08 -27.02
N ASN A 176 0.86 22.94 -28.03
CA ASN A 176 1.36 24.31 -27.94
C ASN A 176 2.88 24.35 -27.79
N LEU A 177 3.56 23.29 -28.21
CA LEU A 177 5.02 23.26 -28.14
C LEU A 177 5.52 24.07 -29.32
N ARG A 178 6.46 24.97 -29.07
CA ARG A 178 7.00 25.83 -30.12
C ARG A 178 7.66 25.04 -31.24
N GLY A 179 7.24 25.32 -32.47
CA GLY A 179 7.76 24.65 -33.63
C GLY A 179 9.26 24.65 -33.75
N ARG A 180 9.79 23.80 -34.63
CA ARG A 180 11.22 23.67 -34.86
C ARG A 180 12.05 24.06 -33.63
N THR A 181 12.00 23.21 -32.61
CA THR A 181 12.71 23.46 -31.37
C THR A 181 13.09 22.18 -30.65
N ARG A 182 14.10 22.28 -29.80
CA ARG A 182 14.57 21.17 -29.01
C ARG A 182 13.85 21.12 -27.67
N TYR A 183 13.29 19.96 -27.35
CA TYR A 183 12.57 19.77 -26.11
C TYR A 183 13.06 18.56 -25.37
N THR A 184 13.30 18.72 -24.07
CA THR A 184 13.75 17.60 -23.25
C THR A 184 12.65 17.33 -22.24
N PHE A 185 12.26 16.07 -22.10
CA PHE A 185 11.21 15.72 -21.16
C PHE A 185 11.70 14.79 -20.04
N ALA A 186 11.13 14.97 -18.85
CA ALA A 186 11.46 14.15 -17.68
C ALA A 186 10.20 13.95 -16.81
N VAL A 187 10.17 12.86 -16.05
CA VAL A 187 9.02 12.60 -15.21
C VAL A 187 9.43 12.22 -13.80
N ARG A 188 8.70 12.75 -12.82
CA ARG A 188 8.98 12.43 -11.42
C ARG A 188 7.65 12.16 -10.72
N ALA A 189 7.69 11.33 -9.67
CA ALA A 189 6.46 10.98 -8.98
C ALA A 189 6.51 11.06 -7.47
N ARG A 190 5.34 10.82 -6.87
CA ARG A 190 5.17 10.80 -5.42
C ARG A 190 3.73 10.34 -5.14
N MET A 191 3.43 9.99 -3.89
CA MET A 191 2.08 9.58 -3.56
C MET A 191 1.23 10.84 -3.52
N ALA A 192 -0.04 10.71 -3.84
CA ALA A 192 -0.95 11.85 -3.86
C ALA A 192 -1.16 12.42 -2.46
N GLU A 193 -0.63 11.71 -1.48
CA GLU A 193 -0.80 12.10 -0.09
C GLU A 193 -2.15 11.58 0.39
N PRO A 194 -2.46 10.32 0.04
CA PRO A 194 -3.73 9.74 0.47
C PRO A 194 -3.56 9.61 1.98
N SER A 195 -2.59 8.77 2.34
CA SER A 195 -2.19 8.49 3.72
C SER A 195 -0.68 8.31 3.70
N PHE A 196 -0.04 8.81 2.63
CA PHE A 196 1.41 8.70 2.49
C PHE A 196 2.10 10.05 2.46
N GLY A 197 2.83 10.36 3.53
CA GLY A 197 3.58 11.60 3.59
C GLY A 197 4.79 11.29 2.75
N GLY A 198 5.42 12.29 2.15
CA GLY A 198 6.57 12.01 1.32
C GLY A 198 7.15 13.22 0.62
N PHE A 199 7.88 12.97 -0.45
CA PHE A 199 8.55 14.01 -1.21
C PHE A 199 8.56 13.54 -2.66
N TRP A 200 8.87 14.45 -3.57
CA TRP A 200 8.94 14.11 -4.98
C TRP A 200 10.13 13.21 -5.27
N SER A 201 9.96 12.24 -6.16
CA SER A 201 11.07 11.38 -6.52
C SER A 201 11.94 12.26 -7.40
N ALA A 202 13.08 11.74 -7.81
CA ALA A 202 13.98 12.48 -8.68
C ALA A 202 13.42 12.43 -10.11
N TRP A 203 13.97 13.26 -11.00
CA TRP A 203 13.53 13.25 -12.37
C TRP A 203 13.97 11.94 -13.02
N SER A 204 13.20 11.46 -13.99
CA SER A 204 13.56 10.23 -14.66
C SER A 204 14.72 10.58 -15.56
N GLU A 205 15.19 9.60 -16.34
CA GLU A 205 16.24 9.86 -17.30
C GLU A 205 15.49 10.62 -18.37
N PRO A 206 16.01 11.78 -18.81
CA PRO A 206 15.34 12.56 -19.86
C PRO A 206 15.25 11.90 -21.23
N VAL A 207 14.55 12.58 -22.13
CA VAL A 207 14.34 12.13 -23.50
C VAL A 207 14.04 13.38 -24.34
N SER A 208 14.96 13.76 -25.22
CA SER A 208 14.75 14.96 -26.06
C SER A 208 14.33 14.66 -27.49
N LEU A 209 13.55 15.57 -28.07
CA LEU A 209 13.09 15.47 -29.45
C LEU A 209 13.08 16.85 -30.09
N LEU A 210 13.15 16.90 -31.41
CA LEU A 210 13.11 18.18 -32.13
C LEU A 210 11.77 18.27 -32.86
N THR A 211 11.11 19.41 -32.74
CA THR A 211 9.83 19.57 -33.41
C THR A 211 10.06 20.00 -34.86
N PRO A 212 9.17 19.57 -35.78
CA PRO A 212 9.29 19.92 -37.20
C PRO A 212 9.32 21.43 -37.45
N LYS B 1 -18.68 -14.23 -4.92
CA LYS B 1 -17.56 -13.81 -4.01
C LYS B 1 -17.87 -12.49 -3.33
N PHE B 2 -18.46 -11.56 -4.09
CA PHE B 2 -18.80 -10.27 -3.52
C PHE B 2 -19.81 -10.55 -2.43
N GLU B 3 -20.54 -11.66 -2.60
CA GLU B 3 -21.54 -12.11 -1.65
C GLU B 3 -20.80 -12.62 -0.44
N SER B 4 -19.72 -13.36 -0.70
CA SER B 4 -18.90 -13.93 0.34
C SER B 4 -18.52 -12.83 1.32
N LYS B 5 -17.71 -11.89 0.84
CA LYS B 5 -17.28 -10.79 1.67
C LYS B 5 -18.45 -9.99 2.26
N ALA B 6 -19.51 -9.79 1.46
CA ALA B 6 -20.69 -9.03 1.90
C ALA B 6 -21.28 -9.61 3.18
N ALA B 7 -21.47 -10.92 3.19
CA ALA B 7 -22.00 -11.58 4.37
C ALA B 7 -21.07 -11.20 5.51
N LEU B 8 -19.83 -11.68 5.40
CA LEU B 8 -18.82 -11.40 6.42
C LEU B 8 -19.03 -10.06 7.11
N LEU B 9 -19.10 -8.96 6.36
CA LEU B 9 -19.30 -7.66 6.98
C LEU B 9 -20.65 -7.52 7.68
N ALA B 10 -21.70 -8.03 7.06
CA ALA B 10 -23.04 -7.96 7.64
C ALA B 10 -23.03 -8.59 9.03
N ALA B 11 -21.96 -9.34 9.32
CA ALA B 11 -21.78 -10.01 10.61
C ALA B 11 -22.14 -9.13 11.82
N GLU B 15 -26.73 -3.95 10.55
CA GLU B 15 -27.36 -3.26 9.39
C GLU B 15 -27.09 -1.75 9.39
N GLU B 16 -26.15 -1.37 8.54
CA GLU B 16 -25.70 0.00 8.40
C GLU B 16 -25.08 0.07 7.00
N LEU B 17 -24.42 1.17 6.67
CA LEU B 17 -23.79 1.29 5.35
C LEU B 17 -22.37 0.72 5.45
N LEU B 18 -22.18 -0.47 4.88
CA LEU B 18 -20.89 -1.15 4.91
C LEU B 18 -20.10 -1.07 3.60
N CYS B 19 -18.87 -0.57 3.67
CA CYS B 19 -17.99 -0.43 2.51
C CYS B 19 -16.76 -1.27 2.80
N PHE B 20 -15.95 -1.55 1.77
CA PHE B 20 -14.72 -2.30 1.96
C PHE B 20 -13.86 -2.20 0.71
N THR B 21 -12.54 -2.31 0.87
CA THR B 21 -11.63 -2.23 -0.26
C THR B 21 -10.78 -3.51 -0.34
N GLU B 22 -10.79 -4.16 -1.51
CA GLU B 22 -10.04 -5.39 -1.73
C GLU B 22 -8.55 -5.11 -1.92
N ARG B 23 -8.25 -4.12 -2.76
CA ARG B 23 -6.88 -3.66 -3.00
C ARG B 23 -7.11 -2.21 -2.64
N LEU B 24 -6.20 -1.59 -1.89
CA LEU B 24 -6.43 -0.21 -1.49
C LEU B 24 -6.73 0.81 -2.59
N GLU B 25 -7.28 0.37 -3.71
CA GLU B 25 -7.61 1.28 -4.81
C GLU B 25 -8.98 1.02 -5.46
N ASP B 26 -9.94 0.64 -4.62
CA ASP B 26 -11.30 0.34 -5.05
C ASP B 26 -12.25 0.56 -3.87
N LEU B 27 -13.56 0.49 -4.11
CA LEU B 27 -14.49 0.68 -3.02
C LEU B 27 -15.92 0.29 -3.30
N VAL B 28 -16.46 -0.59 -2.47
CA VAL B 28 -17.84 -1.01 -2.59
C VAL B 28 -18.52 -0.77 -1.25
N CYS B 29 -19.73 -0.27 -1.34
CA CYS B 29 -20.55 0.04 -0.18
C CYS B 29 -21.89 -0.62 -0.40
N PHE B 30 -22.58 -0.91 0.68
CA PHE B 30 -23.87 -1.56 0.56
C PHE B 30 -24.54 -1.57 1.90
N TRP B 31 -25.82 -1.84 1.88
CA TRP B 31 -26.56 -1.94 3.13
C TRP B 31 -27.57 -3.03 2.84
N GLU B 32 -28.30 -3.44 3.86
CA GLU B 32 -29.29 -4.48 3.68
C GLU B 32 -30.56 -4.07 4.40
N GLU B 33 -31.69 -4.49 3.85
CA GLU B 33 -32.98 -4.16 4.43
C GLU B 33 -33.97 -5.19 3.97
N ALA B 34 -35.13 -5.23 4.64
CA ALA B 34 -36.15 -6.20 4.30
C ALA B 34 -36.72 -5.97 2.91
N ALA B 35 -37.04 -7.07 2.24
CA ALA B 35 -37.63 -7.02 0.91
C ALA B 35 -38.96 -6.28 1.03
N SER B 36 -39.18 -5.31 0.15
CA SER B 36 -40.38 -4.51 0.16
C SER B 36 -40.91 -4.31 -1.25
N ALA B 37 -42.06 -4.92 -1.55
CA ALA B 37 -42.67 -4.80 -2.87
C ALA B 37 -42.64 -3.35 -3.33
N GLY B 38 -42.31 -3.16 -4.60
CA GLY B 38 -42.23 -1.83 -5.15
C GLY B 38 -40.92 -1.14 -4.88
N VAL B 39 -40.10 -1.72 -4.01
CA VAL B 39 -38.81 -1.11 -3.68
C VAL B 39 -37.64 -1.74 -4.43
N GLY B 40 -37.05 -0.94 -5.33
CA GLY B 40 -35.92 -1.34 -6.13
C GLY B 40 -34.80 -0.31 -6.01
N PRO B 41 -33.68 -0.49 -6.73
CA PRO B 41 -32.55 0.47 -6.65
C PRO B 41 -32.91 1.88 -7.15
N GLY B 42 -34.04 1.98 -7.86
CA GLY B 42 -34.48 3.26 -8.36
C GLY B 42 -35.16 4.06 -7.27
N ASN B 43 -35.38 3.44 -6.12
CA ASN B 43 -36.03 4.11 -5.01
C ASN B 43 -35.04 4.73 -4.04
N TYR B 44 -33.75 4.66 -4.38
CA TYR B 44 -32.71 5.25 -3.55
C TYR B 44 -31.67 6.04 -4.35
N SER B 45 -31.04 7.00 -3.69
CA SER B 45 -29.99 7.80 -4.30
C SER B 45 -28.73 7.64 -3.46
N PHE B 46 -27.65 7.24 -4.10
CA PHE B 46 -26.37 7.08 -3.40
C PHE B 46 -25.48 8.22 -3.88
N SER B 47 -25.25 9.19 -3.00
CA SER B 47 -24.42 10.35 -3.32
C SER B 47 -23.08 10.34 -2.56
N TYR B 48 -22.08 11.00 -3.09
CA TYR B 48 -20.79 11.03 -2.43
C TYR B 48 -20.01 12.22 -2.96
N GLN B 49 -19.07 12.70 -2.15
CA GLN B 49 -18.26 13.84 -2.55
C GLN B 49 -16.86 13.68 -1.94
N LEU B 50 -15.84 14.12 -2.69
CA LEU B 50 -14.48 14.04 -2.20
C LEU B 50 -13.65 15.08 -2.94
N GLU B 51 -12.53 15.48 -2.34
CA GLU B 51 -11.64 16.48 -2.94
C GLU B 51 -12.51 17.72 -3.11
N ASP B 52 -12.42 18.39 -4.26
CA ASP B 52 -13.23 19.58 -4.53
C ASP B 52 -14.39 19.19 -5.45
N GLU B 53 -14.50 17.89 -5.70
CA GLU B 53 -15.52 17.29 -6.54
C GLU B 53 -16.96 17.62 -6.14
N PRO B 54 -17.78 18.00 -7.12
CA PRO B 54 -19.17 18.29 -6.76
C PRO B 54 -19.80 16.93 -6.44
N TRP B 55 -20.83 16.91 -5.61
CA TRP B 55 -21.49 15.65 -5.29
C TRP B 55 -21.89 14.92 -6.56
N LYS B 56 -21.78 13.60 -6.54
CA LYS B 56 -22.13 12.79 -7.68
C LYS B 56 -22.82 11.54 -7.17
N LEU B 57 -23.63 10.93 -8.02
CA LEU B 57 -24.32 9.72 -7.62
C LEU B 57 -23.61 8.49 -8.12
N CYS B 58 -23.96 7.36 -7.52
CA CYS B 58 -23.37 6.09 -7.86
C CYS B 58 -24.50 5.17 -8.25
N ARG B 59 -24.27 4.31 -9.24
CA ARG B 59 -25.30 3.37 -9.69
C ARG B 59 -25.60 2.32 -8.64
N LEU B 60 -26.80 2.35 -8.07
CA LEU B 60 -27.16 1.33 -7.08
C LEU B 60 -27.55 0.05 -7.79
N HIS B 61 -27.36 -1.06 -7.10
CA HIS B 61 -27.70 -2.37 -7.61
C HIS B 61 -28.45 -3.08 -6.50
N GLN B 62 -29.30 -4.01 -6.90
CA GLN B 62 -30.08 -4.74 -5.93
C GLN B 62 -29.84 -6.21 -6.19
N ALA B 63 -29.68 -6.97 -5.12
CA ALA B 63 -29.49 -8.39 -5.26
C ALA B 63 -29.97 -9.06 -3.99
N PRO B 64 -30.38 -10.34 -4.09
CA PRO B 64 -30.88 -11.12 -2.96
C PRO B 64 -29.76 -11.64 -2.07
N THR B 65 -29.99 -11.67 -0.76
CA THR B 65 -28.99 -12.19 0.15
C THR B 65 -29.39 -13.64 0.34
N ALA B 66 -28.88 -14.27 1.39
CA ALA B 66 -29.21 -15.65 1.68
C ALA B 66 -30.29 -15.71 2.76
N ARG B 67 -30.77 -14.54 3.18
CA ARG B 67 -31.76 -14.52 4.25
C ARG B 67 -33.03 -13.70 4.05
N GLY B 68 -33.42 -13.44 2.80
CA GLY B 68 -34.65 -12.70 2.60
C GLY B 68 -34.47 -11.21 2.44
N ALA B 69 -33.60 -10.63 3.25
CA ALA B 69 -33.33 -9.20 3.16
C ALA B 69 -32.67 -8.97 1.81
N VAL B 70 -32.76 -7.75 1.31
CA VAL B 70 -32.15 -7.43 0.01
C VAL B 70 -30.99 -6.49 0.18
N ARG B 71 -30.01 -6.64 -0.70
CA ARG B 71 -28.79 -5.85 -0.63
C ARG B 71 -28.67 -4.82 -1.76
N PHE B 72 -28.42 -3.57 -1.38
CA PHE B 72 -28.20 -2.52 -2.38
C PHE B 72 -26.71 -2.18 -2.28
N TRP B 73 -26.02 -2.18 -3.42
CA TRP B 73 -24.60 -1.86 -3.43
C TRP B 73 -24.17 -0.91 -4.53
N CYS B 74 -23.14 -0.13 -4.21
CA CYS B 74 -22.54 0.83 -5.10
C CYS B 74 -21.09 0.43 -5.24
N SER B 75 -20.53 0.61 -6.42
CA SER B 75 -19.15 0.31 -6.65
C SER B 75 -18.63 1.63 -7.20
N LEU B 76 -17.81 2.33 -6.43
CA LEU B 76 -17.31 3.62 -6.91
C LEU B 76 -16.35 3.46 -8.07
N PRO B 77 -16.34 4.43 -9.00
CA PRO B 77 -15.45 4.40 -10.16
C PRO B 77 -13.99 4.40 -9.70
N THR B 78 -13.11 3.79 -10.49
CA THR B 78 -11.69 3.72 -10.14
C THR B 78 -11.17 5.13 -9.87
N ALA B 79 -11.71 6.08 -10.61
CA ALA B 79 -11.30 7.47 -10.53
C ALA B 79 -11.52 8.14 -9.18
N ASP B 80 -12.56 7.73 -8.46
CA ASP B 80 -12.83 8.33 -7.16
C ASP B 80 -12.23 7.50 -6.05
N THR B 81 -11.56 6.42 -6.45
CA THR B 81 -10.94 5.51 -5.52
C THR B 81 -9.42 5.39 -5.66
N SER B 82 -8.73 6.47 -6.01
CA SER B 82 -7.28 6.39 -6.14
C SER B 82 -6.54 7.25 -5.10
N SER B 83 -7.13 7.38 -3.91
CA SER B 83 -6.56 8.14 -2.81
C SER B 83 -7.22 7.82 -1.48
N PHE B 84 -6.49 8.05 -0.39
CA PHE B 84 -7.01 7.77 0.94
C PHE B 84 -7.70 8.99 1.52
N VAL B 85 -7.84 10.04 0.71
CA VAL B 85 -8.53 11.25 1.14
C VAL B 85 -9.94 10.90 1.62
N PRO B 86 -10.48 11.67 2.57
CA PRO B 86 -11.82 11.41 3.10
C PRO B 86 -12.90 11.43 2.02
N LEU B 87 -13.87 10.53 2.17
CA LEU B 87 -15.02 10.46 1.25
C LEU B 87 -16.30 10.53 2.07
N GLU B 88 -17.20 11.43 1.68
CA GLU B 88 -18.45 11.56 2.39
C GLU B 88 -19.54 10.86 1.62
N LEU B 89 -20.02 9.75 2.16
CA LEU B 89 -21.07 8.99 1.53
C LEU B 89 -22.43 9.46 2.06
N ARG B 90 -23.50 9.09 1.38
CA ARG B 90 -24.83 9.49 1.84
C ARG B 90 -25.91 8.74 1.06
N VAL B 91 -26.72 7.96 1.77
CA VAL B 91 -27.78 7.23 1.10
C VAL B 91 -29.11 7.88 1.46
N THR B 92 -29.89 8.21 0.44
CA THR B 92 -31.18 8.85 0.61
C THR B 92 -32.26 8.10 -0.16
N ALA B 93 -33.47 8.13 0.38
CA ALA B 93 -34.58 7.50 -0.32
C ALA B 93 -34.91 8.47 -1.46
N ALA B 94 -35.55 7.97 -2.51
CA ALA B 94 -35.93 8.83 -3.63
C ALA B 94 -36.77 10.01 -3.11
N SER B 95 -37.53 9.76 -2.05
CA SER B 95 -38.38 10.80 -1.45
C SER B 95 -37.51 11.91 -0.91
N GLY B 96 -36.23 11.62 -0.72
CA GLY B 96 -35.35 12.64 -0.17
C GLY B 96 -35.11 12.37 1.31
N ALA B 97 -35.80 11.36 1.85
CA ALA B 97 -35.66 10.98 3.25
C ALA B 97 -34.34 10.22 3.47
N PRO B 98 -33.48 10.74 4.35
CA PRO B 98 -32.17 10.20 4.71
C PRO B 98 -32.23 8.80 5.29
N ARG B 99 -31.25 7.99 4.90
CA ARG B 99 -31.14 6.61 5.37
C ARG B 99 -29.77 6.35 5.99
N TYR B 100 -28.72 6.83 5.33
CA TYR B 100 -27.37 6.64 5.82
C TYR B 100 -26.43 7.83 5.58
N HIS B 101 -25.51 8.03 6.52
CA HIS B 101 -24.55 9.11 6.43
C HIS B 101 -23.24 8.70 7.12
N ARG B 102 -22.13 8.84 6.41
CA ARG B 102 -20.83 8.52 6.98
C ARG B 102 -19.64 9.03 6.19
N VAL B 103 -18.56 9.30 6.90
CA VAL B 103 -17.33 9.79 6.30
C VAL B 103 -16.24 8.72 6.52
N ILE B 104 -15.65 8.21 5.45
CA ILE B 104 -14.62 7.20 5.62
C ILE B 104 -13.40 7.31 4.71
N HIS B 105 -12.37 6.53 5.04
CA HIS B 105 -11.14 6.47 4.27
C HIS B 105 -11.04 5.08 3.71
N ILE B 106 -10.60 4.98 2.46
CA ILE B 106 -10.47 3.67 1.83
C ILE B 106 -9.51 2.77 2.60
N ASN B 107 -8.62 3.39 3.36
CA ASN B 107 -7.65 2.64 4.14
C ASN B 107 -8.19 2.19 5.51
N GLU B 108 -9.43 2.55 5.83
CA GLU B 108 -10.04 2.18 7.12
C GLU B 108 -10.89 0.93 7.01
N VAL B 109 -11.10 0.45 5.79
CA VAL B 109 -11.98 -0.68 5.59
C VAL B 109 -11.48 -1.76 4.61
N VAL B 110 -10.30 -2.29 4.92
CA VAL B 110 -9.71 -3.30 4.07
C VAL B 110 -10.28 -4.67 4.32
N LEU B 111 -10.81 -5.28 3.26
CA LEU B 111 -11.36 -6.64 3.34
C LEU B 111 -10.73 -7.42 2.17
N LEU B 112 -9.52 -7.90 2.41
CA LEU B 112 -8.72 -8.65 1.46
C LEU B 112 -9.36 -9.90 0.92
N ASP B 113 -8.85 -10.37 -0.21
CA ASP B 113 -9.34 -11.62 -0.79
C ASP B 113 -8.67 -12.65 0.09
N ALA B 114 -9.16 -13.88 0.02
CA ALA B 114 -8.61 -14.94 0.83
C ALA B 114 -7.33 -15.49 0.21
N PRO B 115 -6.37 -15.92 1.05
CA PRO B 115 -5.11 -16.48 0.56
C PRO B 115 -5.38 -17.64 -0.41
N VAL B 116 -4.35 -18.06 -1.14
CA VAL B 116 -4.51 -19.16 -2.09
C VAL B 116 -3.35 -20.13 -2.06
N GLY B 117 -3.48 -21.19 -2.86
CA GLY B 117 -2.44 -22.20 -2.93
C GLY B 117 -2.04 -22.87 -1.62
N LEU B 118 -3.01 -23.32 -0.84
CA LEU B 118 -2.68 -24.00 0.41
C LEU B 118 -2.30 -25.44 0.09
N VAL B 119 -1.09 -25.80 0.45
CA VAL B 119 -0.61 -27.15 0.25
C VAL B 119 -0.15 -27.57 1.64
N ALA B 120 -0.57 -28.76 2.03
CA ALA B 120 -0.19 -29.29 3.34
C ALA B 120 0.47 -30.63 3.10
N ARG B 121 1.55 -30.90 3.83
CA ARG B 121 2.23 -32.19 3.70
C ARG B 121 2.97 -32.49 5.00
N LEU B 122 3.14 -33.77 5.29
CA LEU B 122 3.80 -34.19 6.51
C LEU B 122 5.31 -34.01 6.43
N ALA B 123 5.96 -33.89 7.59
CA ALA B 123 7.40 -33.72 7.66
C ALA B 123 8.02 -34.77 8.58
N ASP B 124 7.74 -34.62 9.87
CA ASP B 124 8.24 -35.51 10.89
C ASP B 124 7.37 -36.75 10.95
N GLU B 125 7.64 -37.59 11.95
CA GLU B 125 6.88 -38.82 12.14
C GLU B 125 6.10 -38.87 13.45
N SER B 126 6.35 -37.93 14.36
CA SER B 126 5.62 -37.92 15.62
C SER B 126 4.47 -36.94 15.48
N GLY B 127 3.84 -36.96 14.31
CA GLY B 127 2.72 -36.08 14.05
C GLY B 127 3.13 -34.64 13.79
N HIS B 128 3.62 -34.38 12.59
CA HIS B 128 4.06 -33.05 12.18
C HIS B 128 3.84 -32.79 10.70
N VAL B 129 3.13 -31.72 10.40
CA VAL B 129 2.85 -31.34 9.02
C VAL B 129 3.18 -29.86 8.87
N VAL B 130 3.59 -29.46 7.68
CA VAL B 130 3.89 -28.06 7.44
C VAL B 130 2.91 -27.51 6.41
N LEU B 131 2.45 -26.28 6.65
CA LEU B 131 1.48 -25.65 5.76
C LEU B 131 2.14 -24.55 4.94
N ARG B 132 1.90 -24.59 3.64
CA ARG B 132 2.45 -23.60 2.70
C ARG B 132 1.33 -23.02 1.86
N TRP B 133 1.41 -21.73 1.57
CA TRP B 133 0.40 -21.06 0.78
C TRP B 133 0.99 -19.73 0.33
N LEU B 134 0.22 -18.99 -0.47
CA LEU B 134 0.67 -17.67 -0.91
C LEU B 134 -0.40 -16.65 -0.57
N PRO B 135 -0.02 -15.37 -0.48
CA PRO B 135 -0.97 -14.30 -0.17
C PRO B 135 -1.99 -14.10 -1.28
N PRO B 136 -3.13 -13.46 -0.95
CA PRO B 136 -4.17 -13.22 -1.96
C PRO B 136 -3.55 -12.55 -3.18
N PRO B 137 -4.02 -12.93 -4.38
CA PRO B 137 -3.50 -12.38 -5.65
C PRO B 137 -3.51 -10.86 -5.69
N GLU B 138 -2.89 -10.30 -6.72
CA GLU B 138 -2.82 -8.86 -6.92
C GLU B 138 -3.07 -8.04 -5.65
N THR B 139 -2.30 -8.29 -4.60
CA THR B 139 -2.48 -7.55 -3.35
C THR B 139 -1.24 -6.79 -2.93
N PRO B 140 -1.36 -5.46 -2.82
CA PRO B 140 -0.20 -4.66 -2.42
C PRO B 140 0.16 -4.84 -0.94
N MET B 141 1.41 -4.53 -0.63
CA MET B 141 1.94 -4.59 0.73
C MET B 141 1.79 -5.92 1.46
N THR B 142 2.16 -7.00 0.78
CA THR B 142 2.09 -8.35 1.33
C THR B 142 2.85 -8.48 2.63
N SER B 143 3.86 -7.63 2.84
CA SER B 143 4.67 -7.66 4.07
C SER B 143 3.84 -7.28 5.29
N HIS B 144 2.78 -6.52 5.06
CA HIS B 144 1.91 -6.06 6.13
C HIS B 144 0.73 -7.00 6.34
N ILE B 145 0.71 -8.12 5.62
CA ILE B 145 -0.38 -9.09 5.75
C ILE B 145 -0.13 -10.17 6.80
N ARG B 146 -1.04 -10.30 7.76
CA ARG B 146 -0.93 -11.33 8.79
C ARG B 146 -1.81 -12.49 8.37
N TYR B 147 -1.62 -13.64 9.00
CA TYR B 147 -2.44 -14.78 8.67
C TYR B 147 -2.91 -15.55 9.87
N GLU B 148 -3.86 -16.43 9.62
CA GLU B 148 -4.41 -17.30 10.63
C GLU B 148 -4.68 -18.62 9.97
N VAL B 149 -4.20 -19.67 10.63
CA VAL B 149 -4.45 -21.00 10.14
C VAL B 149 -5.47 -21.65 11.04
N ASP B 150 -6.43 -22.28 10.39
CA ASP B 150 -7.47 -22.99 11.08
C ASP B 150 -7.17 -24.47 10.86
N VAL B 151 -6.94 -25.19 11.96
CA VAL B 151 -6.64 -26.60 11.82
C VAL B 151 -7.77 -27.34 12.48
N SER B 152 -8.53 -28.07 11.68
CA SER B 152 -9.67 -28.82 12.19
C SER B 152 -9.65 -30.28 11.78
N ALA B 153 -10.14 -31.14 12.65
CA ALA B 153 -10.21 -32.56 12.39
C ALA B 153 -11.65 -33.01 12.61
N GLY B 154 -12.16 -33.86 11.72
CA GLY B 154 -13.52 -34.35 11.82
C GLY B 154 -13.58 -35.68 12.53
N GLY B 156 -15.06 -38.67 17.73
CA GLY B 156 -15.66 -37.84 16.65
C GLY B 156 -16.00 -36.42 17.07
N ALA B 157 -15.77 -36.10 18.34
CA ALA B 157 -16.04 -34.77 18.87
C ALA B 157 -15.48 -33.68 17.96
N GLY B 158 -14.37 -33.99 17.29
CA GLY B 158 -13.75 -33.03 16.40
C GLY B 158 -12.93 -32.03 17.18
N SER B 159 -12.14 -31.25 16.46
CA SER B 159 -11.30 -30.26 17.09
C SER B 159 -11.02 -29.09 16.15
N VAL B 160 -10.62 -27.96 16.73
CA VAL B 160 -10.29 -26.75 15.98
C VAL B 160 -9.28 -25.95 16.77
N GLN B 161 -8.15 -25.66 16.15
CA GLN B 161 -7.09 -24.87 16.77
C GLN B 161 -6.57 -23.82 15.78
N ARG B 162 -6.31 -22.62 16.28
CA ARG B 162 -5.82 -21.53 15.43
C ARG B 162 -4.34 -21.24 15.61
N VAL B 163 -3.65 -21.08 14.48
CA VAL B 163 -2.24 -20.75 14.47
C VAL B 163 -2.12 -19.36 13.85
N GLU B 164 -1.71 -18.38 14.65
CA GLU B 164 -1.57 -17.01 14.16
C GLU B 164 -0.18 -16.78 13.56
N ILE B 165 -0.07 -16.97 12.25
CA ILE B 165 1.20 -16.78 11.55
C ILE B 165 1.70 -15.37 11.70
N LEU B 166 3.02 -15.25 11.72
CA LEU B 166 3.71 -13.97 11.90
C LEU B 166 3.28 -12.90 10.87
N GLU B 167 4.20 -12.00 10.53
CA GLU B 167 3.88 -10.91 9.58
C GLU B 167 4.43 -11.08 8.16
N GLY B 168 3.55 -11.45 7.23
CA GLY B 168 4.00 -11.62 5.86
C GLY B 168 4.45 -13.02 5.53
N ARG B 169 5.12 -13.67 6.46
CA ARG B 169 5.58 -15.04 6.24
C ARG B 169 4.39 -15.91 5.83
N THR B 170 4.59 -16.78 4.85
CA THR B 170 3.50 -17.65 4.39
C THR B 170 3.78 -19.13 4.61
N GLU B 171 4.52 -19.44 5.68
CA GLU B 171 4.85 -20.81 6.02
C GLU B 171 4.11 -21.16 7.30
N CYS B 172 4.20 -22.41 7.73
CA CYS B 172 3.52 -22.82 8.95
C CYS B 172 3.98 -24.21 9.37
N VAL B 173 3.96 -24.48 10.66
CA VAL B 173 4.35 -25.79 11.19
C VAL B 173 3.36 -26.28 12.23
N LEU B 174 2.61 -27.30 11.85
CA LEU B 174 1.61 -27.87 12.73
C LEU B 174 2.14 -29.19 13.29
N SER B 175 2.08 -29.30 14.61
CA SER B 175 2.58 -30.47 15.30
C SER B 175 1.55 -30.99 16.27
N ASN B 176 1.80 -32.20 16.76
CA ASN B 176 0.93 -32.82 17.74
C ASN B 176 -0.48 -33.13 17.23
N LEU B 177 -0.56 -33.55 15.97
CA LEU B 177 -1.85 -33.89 15.37
C LEU B 177 -2.18 -35.33 15.75
N ARG B 178 -3.47 -35.61 15.99
CA ARG B 178 -3.91 -36.95 16.37
C ARG B 178 -3.52 -37.98 15.33
N GLY B 179 -3.61 -39.26 15.71
CA GLY B 179 -3.27 -40.35 14.81
C GLY B 179 -4.00 -40.32 13.48
N ARG B 180 -4.49 -41.48 13.03
CA ARG B 180 -5.17 -41.57 11.76
C ARG B 180 -6.44 -40.70 11.69
N THR B 181 -6.24 -39.40 11.51
CA THR B 181 -7.36 -38.47 11.45
C THR B 181 -7.27 -37.55 10.24
N ARG B 182 -8.43 -37.19 9.71
CA ARG B 182 -8.46 -36.28 8.58
C ARG B 182 -8.44 -34.87 9.16
N TYR B 183 -7.46 -34.10 8.74
CA TYR B 183 -7.32 -32.73 9.18
C TYR B 183 -7.62 -31.83 7.99
N THR B 184 -8.22 -30.69 8.27
CA THR B 184 -8.54 -29.73 7.21
C THR B 184 -7.87 -28.43 7.58
N PHE B 185 -7.28 -27.77 6.60
CA PHE B 185 -6.59 -26.52 6.89
C PHE B 185 -7.14 -25.41 6.02
N ALA B 186 -7.19 -24.21 6.58
CA ALA B 186 -7.66 -23.03 5.86
C ALA B 186 -6.91 -21.83 6.41
N VAL B 187 -6.59 -20.87 5.56
CA VAL B 187 -5.87 -19.70 6.00
C VAL B 187 -6.73 -18.48 5.72
N ARG B 188 -6.62 -17.48 6.58
CA ARG B 188 -7.37 -16.25 6.36
C ARG B 188 -6.40 -15.10 6.57
N ALA B 189 -6.55 -14.06 5.74
CA ALA B 189 -5.69 -12.90 5.77
C ALA B 189 -6.29 -11.60 6.28
N ARG B 190 -5.41 -10.77 6.83
CA ARG B 190 -5.79 -9.48 7.32
C ARG B 190 -4.59 -8.57 7.20
N MET B 191 -4.83 -7.38 6.67
CA MET B 191 -3.75 -6.42 6.53
C MET B 191 -3.39 -6.15 7.98
N ALA B 192 -2.11 -6.26 8.32
CA ALA B 192 -1.68 -5.98 9.68
C ALA B 192 -2.25 -4.60 9.88
N GLU B 193 -2.27 -4.09 11.10
CA GLU B 193 -2.79 -2.74 11.22
C GLU B 193 -1.68 -1.72 11.28
N PRO B 194 -0.90 -1.59 10.19
CA PRO B 194 0.16 -0.60 10.23
C PRO B 194 -0.59 0.72 10.42
N SER B 195 -1.44 1.03 9.45
CA SER B 195 -2.28 2.21 9.45
C SER B 195 -3.46 1.92 8.54
N PHE B 196 -3.77 0.62 8.41
CA PHE B 196 -4.89 0.14 7.60
C PHE B 196 -5.91 -0.60 8.46
N GLY B 197 -7.03 0.05 8.75
CA GLY B 197 -8.07 -0.59 9.54
C GLY B 197 -8.70 -1.67 8.68
N GLY B 198 -9.44 -2.58 9.28
CA GLY B 198 -10.03 -3.63 8.48
C GLY B 198 -10.68 -4.82 9.17
N PHE B 199 -10.88 -5.87 8.39
CA PHE B 199 -11.52 -7.09 8.84
C PHE B 199 -10.79 -8.25 8.19
N TRP B 200 -10.97 -9.45 8.72
CA TRP B 200 -10.33 -10.64 8.17
C TRP B 200 -11.01 -11.11 6.91
N SER B 201 -10.21 -11.63 5.98
CA SER B 201 -10.73 -12.15 4.74
C SER B 201 -11.53 -13.38 5.11
N ALA B 202 -12.02 -14.07 4.10
CA ALA B 202 -12.77 -15.29 4.29
C ALA B 202 -11.76 -16.43 4.36
N TRP B 203 -12.16 -17.57 4.88
CA TRP B 203 -11.26 -18.69 4.92
C TRP B 203 -10.93 -19.06 3.48
N SER B 204 -9.65 -19.28 3.22
CA SER B 204 -9.17 -19.67 1.90
C SER B 204 -9.83 -21.00 1.59
N GLU B 205 -9.65 -21.50 0.38
CA GLU B 205 -10.20 -22.80 0.05
C GLU B 205 -9.46 -23.76 0.98
N PRO B 206 -10.18 -24.70 1.58
CA PRO B 206 -9.59 -25.68 2.49
C PRO B 206 -8.66 -26.67 1.81
N VAL B 207 -7.84 -27.32 2.61
CA VAL B 207 -6.91 -28.32 2.13
C VAL B 207 -7.06 -29.40 3.17
N SER B 208 -7.19 -30.65 2.71
CA SER B 208 -7.34 -31.74 3.64
C SER B 208 -6.20 -32.73 3.51
N LEU B 209 -5.88 -33.39 4.61
CA LEU B 209 -4.81 -34.36 4.61
C LEU B 209 -5.11 -35.42 5.65
N LEU B 210 -4.77 -36.66 5.33
CA LEU B 210 -5.03 -37.81 6.19
C LEU B 210 -3.79 -38.22 7.00
N THR B 211 -3.93 -38.28 8.33
CA THR B 211 -2.84 -38.63 9.23
C THR B 211 -2.56 -40.12 9.42
N PRO B 212 -1.28 -40.52 9.24
CA PRO B 212 -0.84 -41.91 9.38
C PRO B 212 -0.94 -42.39 10.82
N SER B 213 -0.99 -43.71 10.98
CA SER B 213 -1.09 -44.35 12.28
C SER B 213 -0.10 -43.78 13.30
#